data_5ABA
#
_entry.id   5ABA
#
_cell.length_a   64.893
_cell.length_b   71.114
_cell.length_c   104.939
_cell.angle_alpha   90.00
_cell.angle_beta   90.00
_cell.angle_gamma   90.00
#
_symmetry.space_group_name_H-M   'P 21 21 21'
#
loop_
_entity.id
_entity.type
_entity.pdbx_description
1 polymer 'CELLULAR TUMOR ANTIGEN P53'
2 non-polymer 'ZINC ION'
3 non-polymer '1-{1-[(3-bromo-5-chloro-2-hydroxyphenyl)methyl piperidin-4-yl}piperidin-4-ol]'
4 water water
#
_entity_poly.entity_id   1
_entity_poly.type   'polypeptide(L)'
_entity_poly.pdbx_seq_one_letter_code
;SSSVPSQKTYQGSYGFRLGFLHSGTAKSVTCTYSPALNKLFCQLAKTCPVQLWVDSTPPPGTRVRAMAIYKQSQHMTEVV
RRCPHHERCSDSDGLAPPQHLIRVEGNLRAEYLDDRNTFRHSVVVPCEPPEVGSDCTTIHYNYMCYSSCMGGMNRRPILT
IITLEDSSGNLLGRDSFEVRVCACPGRDRRTEEENLRKKGEPHHELPPGSTKRALPNNT
;
_entity_poly.pdbx_strand_id   A,B
#
loop_
_chem_comp.id
_chem_comp.type
_chem_comp.name
_chem_comp.formula
UL7 non-polymer '1-{1-[(3-bromo-5-chloro-2-hydroxyphenyl)methyl piperidin-4-yl}piperidin-4-ol]' 'C17 H24 Br Cl N2 O2'
ZN non-polymer 'ZINC ION' 'Zn 2'
#
# COMPACT_ATOMS: atom_id res chain seq x y z
N SER A 3 -6.40 -10.56 -7.35
CA SER A 3 -5.89 -9.20 -7.29
C SER A 3 -6.14 -8.55 -5.92
N VAL A 4 -5.47 -7.43 -5.70
CA VAL A 4 -5.62 -6.68 -4.46
C VAL A 4 -6.16 -5.29 -4.79
N PRO A 5 -7.34 -4.94 -4.26
CA PRO A 5 -7.87 -3.58 -4.40
C PRO A 5 -6.90 -2.53 -3.88
N SER A 6 -6.81 -1.37 -4.53
CA SER A 6 -5.93 -0.31 -4.04
C SER A 6 -6.35 0.16 -2.66
N GLN A 7 -5.38 0.60 -1.87
CA GLN A 7 -5.67 1.19 -0.57
C GLN A 7 -5.09 2.60 -0.49
N LYS A 8 -4.75 3.15 -1.65
CA LYS A 8 -4.17 4.49 -1.75
C LYS A 8 -5.17 5.57 -1.35
N THR A 9 -4.80 6.38 -0.36
CA THR A 9 -5.61 7.53 0.03
C THR A 9 -5.73 8.52 -1.13
N TYR A 10 -6.97 8.89 -1.43
CA TYR A 10 -7.27 9.72 -2.60
C TYR A 10 -8.48 10.61 -2.28
N GLN A 11 -8.26 11.91 -2.05
CA GLN A 11 -9.39 12.78 -1.73
C GLN A 11 -10.27 13.06 -2.94
N GLY A 12 -9.66 13.14 -4.13
CA GLY A 12 -10.40 13.39 -5.35
C GLY A 12 -10.99 14.78 -5.41
N SER A 13 -11.90 14.98 -6.37
CA SER A 13 -12.44 16.29 -6.68
C SER A 13 -13.31 16.86 -5.57
N TYR A 14 -13.87 15.97 -4.75
CA TYR A 14 -14.82 16.41 -3.74
C TYR A 14 -14.19 16.50 -2.35
N GLY A 15 -12.89 16.24 -2.27
CA GLY A 15 -12.16 16.37 -1.02
C GLY A 15 -12.67 15.39 0.01
N PHE A 16 -12.83 14.13 -0.41
CA PHE A 16 -13.37 13.06 0.42
C PHE A 16 -12.37 12.53 1.43
N ARG A 17 -12.81 12.40 2.68
CA ARG A 17 -12.01 11.75 3.73
C ARG A 17 -12.90 11.31 4.87
N LEU A 18 -12.42 10.35 5.67
CA LEU A 18 -13.18 9.86 6.81
C LEU A 18 -12.95 10.67 8.07
N GLY A 19 -13.82 10.46 9.05
CA GLY A 19 -13.63 11.01 10.37
C GLY A 19 -14.12 10.03 11.42
N PHE A 20 -13.55 10.10 12.61
CA PHE A 20 -13.92 9.20 13.68
C PHE A 20 -14.19 9.98 14.95
N LEU A 21 -15.07 9.45 15.79
CA LEU A 21 -15.37 10.10 17.06
C LEU A 21 -14.20 9.93 18.01
N HIS A 22 -14.27 10.62 19.15
CA HIS A 22 -13.27 10.47 20.19
C HIS A 22 -13.87 9.77 21.39
N SER A 23 -13.83 8.45 21.38
CA SER A 23 -14.58 7.64 22.33
C SER A 23 -13.78 7.23 23.56
N GLY A 24 -12.47 7.51 23.57
CA GLY A 24 -11.63 7.18 24.72
C GLY A 24 -11.32 5.70 24.84
N THR A 25 -10.71 5.29 25.95
CA THR A 25 -10.17 3.94 26.06
C THR A 25 -10.58 3.23 27.37
N ALA A 26 -11.68 3.66 27.95
CA ALA A 26 -12.24 2.99 29.13
C ALA A 26 -12.49 1.52 28.81
N LYS A 27 -12.37 0.67 29.82
CA LYS A 27 -12.56 -0.76 29.63
C LYS A 27 -13.95 -1.08 29.07
N SER A 28 -14.91 -0.21 29.33
CA SER A 28 -16.29 -0.46 28.90
C SER A 28 -16.56 -0.05 27.44
N VAL A 29 -15.64 0.69 26.81
CA VAL A 29 -15.92 1.25 25.49
C VAL A 29 -16.07 0.13 24.45
N THR A 30 -16.98 0.32 23.49
CA THR A 30 -17.30 -0.75 22.54
C THR A 30 -16.72 -0.50 21.15
N CYS A 31 -16.27 0.72 20.92
CA CYS A 31 -15.70 1.13 19.63
C CYS A 31 -14.84 2.34 19.89
N THR A 32 -13.60 2.30 19.44
CA THR A 32 -12.71 3.43 19.66
C THR A 32 -11.63 3.45 18.58
N TYR A 33 -11.30 4.66 18.13
CA TYR A 33 -10.38 4.82 17.01
C TYR A 33 -9.06 5.44 17.45
N SER A 34 -7.96 4.86 16.97
CA SER A 34 -6.62 5.39 17.22
C SER A 34 -6.06 6.13 16.01
N PRO A 35 -5.98 7.47 16.09
CA PRO A 35 -5.35 8.26 15.03
C PRO A 35 -3.86 7.92 14.88
N ALA A 36 -3.15 7.70 15.98
CA ALA A 36 -1.73 7.37 15.88
C ALA A 36 -1.49 6.08 15.10
N LEU A 37 -2.39 5.12 15.23
CA LEU A 37 -2.28 3.83 14.55
C LEU A 37 -3.12 3.73 13.28
N ASN A 38 -3.91 4.76 12.99
CA ASN A 38 -4.99 4.71 12.00
C ASN A 38 -5.73 3.38 12.12
N LYS A 39 -6.24 3.11 13.30
CA LYS A 39 -6.80 1.79 13.58
C LYS A 39 -8.05 1.88 14.45
N LEU A 40 -9.11 1.21 14.00
CA LEU A 40 -10.35 1.11 14.74
C LEU A 40 -10.37 -0.21 15.53
N PHE A 41 -10.75 -0.12 16.80
CA PHE A 41 -10.86 -1.25 17.70
C PHE A 41 -12.34 -1.34 18.07
N CYS A 42 -12.96 -2.50 17.87
CA CYS A 42 -14.38 -2.62 18.18
C CYS A 42 -14.75 -4.01 18.67
N GLN A 43 -15.84 -4.08 19.42
CA GLN A 43 -16.40 -5.37 19.82
C GLN A 43 -17.19 -5.98 18.69
N LEU A 44 -17.42 -7.28 18.79
CA LEU A 44 -18.14 -8.04 17.79
C LEU A 44 -19.57 -7.51 17.58
N ALA A 45 -19.89 -7.17 16.33
CA ALA A 45 -21.25 -6.80 15.93
C ALA A 45 -21.76 -5.51 16.58
N LYS A 46 -20.87 -4.72 17.17
CA LYS A 46 -21.30 -3.46 17.76
C LYS A 46 -21.23 -2.32 16.76
N THR A 47 -22.01 -1.27 17.02
CA THR A 47 -22.08 -0.10 16.14
C THR A 47 -20.74 0.64 16.06
N CYS A 48 -20.27 0.84 14.82
CA CYS A 48 -19.05 1.60 14.56
C CYS A 48 -19.37 2.83 13.72
N PRO A 49 -19.49 3.99 14.36
CA PRO A 49 -19.76 5.22 13.61
C PRO A 49 -18.54 5.64 12.80
N VAL A 50 -18.75 5.84 11.51
CA VAL A 50 -17.69 6.32 10.65
C VAL A 50 -18.21 7.55 9.91
N GLN A 51 -17.49 8.67 10.02
CA GLN A 51 -17.95 9.91 9.38
C GLN A 51 -17.42 10.04 7.95
N LEU A 52 -18.24 10.65 7.11
CA LEU A 52 -17.85 11.01 5.74
C LEU A 52 -17.76 12.52 5.65
N TRP A 53 -16.61 13.03 5.25
CA TRP A 53 -16.38 14.47 5.10
C TRP A 53 -16.03 14.80 3.66
N VAL A 54 -16.61 15.89 3.15
CA VAL A 54 -16.28 16.36 1.81
C VAL A 54 -16.15 17.88 1.78
N ASP A 55 -15.39 18.37 0.83
CA ASP A 55 -15.26 19.81 0.60
C ASP A 55 -16.39 20.35 -0.27
N SER A 56 -16.94 19.50 -1.13
CA SER A 56 -18.06 19.91 -1.95
C SER A 56 -19.00 18.73 -2.21
N THR A 57 -20.27 19.04 -2.45
CA THR A 57 -21.29 18.01 -2.62
C THR A 57 -21.10 17.18 -3.87
N PRO A 58 -20.99 15.85 -3.72
CA PRO A 58 -20.90 14.94 -4.86
CA PRO A 58 -20.89 14.99 -4.90
C PRO A 58 -22.23 14.83 -5.60
N PRO A 59 -22.21 14.42 -6.88
CA PRO A 59 -23.44 14.31 -7.68
C PRO A 59 -24.45 13.32 -7.10
N PRO A 60 -25.74 13.55 -7.39
CA PRO A 60 -26.74 12.54 -7.05
C PRO A 60 -26.40 11.20 -7.68
N GLY A 61 -26.52 10.12 -6.91
CA GLY A 61 -26.13 8.82 -7.44
C GLY A 61 -24.77 8.37 -6.95
N THR A 62 -24.04 9.26 -6.30
CA THR A 62 -22.77 8.88 -5.66
C THR A 62 -23.04 7.85 -4.58
N ARG A 63 -22.12 6.89 -4.43
CA ARG A 63 -22.27 5.85 -3.42
C ARG A 63 -20.98 5.69 -2.60
N VAL A 64 -21.12 4.98 -1.48
CA VAL A 64 -20.01 4.75 -0.55
C VAL A 64 -19.89 3.25 -0.31
N ARG A 65 -18.74 2.67 -0.68
CA ARG A 65 -18.53 1.23 -0.56
C ARG A 65 -17.49 0.91 0.52
N ALA A 66 -17.76 -0.14 1.29
CA ALA A 66 -16.81 -0.66 2.27
C ALA A 66 -16.39 -2.08 1.90
N MET A 67 -15.09 -2.34 2.00
CA MET A 67 -14.51 -3.65 1.71
C MET A 67 -13.35 -3.91 2.66
N ALA A 68 -13.21 -5.15 3.10
CA ALA A 68 -12.07 -5.51 3.94
C ALA A 68 -11.02 -6.30 3.15
N ILE A 69 -9.75 -6.01 3.40
CA ILE A 69 -8.65 -6.81 2.87
C ILE A 69 -7.66 -7.12 3.99
N TYR A 70 -6.89 -8.19 3.85
CA TYR A 70 -5.83 -8.43 4.82
C TYR A 70 -4.70 -7.43 4.63
N LYS A 71 -4.14 -6.97 5.75
CA LYS A 71 -3.13 -5.94 5.74
C LYS A 71 -1.77 -6.49 5.27
N GLN A 72 -1.43 -7.68 5.74
CA GLN A 72 -0.14 -8.30 5.40
C GLN A 72 -0.13 -8.79 3.96
N SER A 73 0.97 -8.52 3.25
CA SER A 73 1.01 -8.78 1.81
C SER A 73 0.89 -10.27 1.46
N GLN A 74 1.42 -11.13 2.32
CA GLN A 74 1.34 -12.57 2.08
C GLN A 74 -0.09 -13.07 2.18
N HIS A 75 -0.96 -12.26 2.80
CA HIS A 75 -2.36 -12.60 2.94
C HIS A 75 -3.27 -11.69 2.12
N MET A 76 -2.72 -10.57 1.64
CA MET A 76 -3.51 -9.56 0.91
C MET A 76 -4.41 -10.18 -0.14
N THR A 77 -3.93 -11.26 -0.75
CA THR A 77 -4.64 -11.88 -1.87
C THR A 77 -5.81 -12.76 -1.44
N GLU A 78 -5.91 -13.08 -0.16
CA GLU A 78 -7.01 -13.93 0.32
C GLU A 78 -8.26 -13.12 0.68
N VAL A 79 -9.41 -13.55 0.18
CA VAL A 79 -10.69 -12.91 0.50
C VAL A 79 -10.97 -12.91 1.99
N VAL A 80 -11.30 -11.75 2.54
CA VAL A 80 -11.73 -11.64 3.93
C VAL A 80 -13.20 -12.03 4.04
N ARG A 81 -13.50 -13.03 4.88
CA ARG A 81 -14.86 -13.48 5.06
C ARG A 81 -15.07 -13.92 6.49
N ARG A 82 -16.33 -14.15 6.87
CA ARG A 82 -16.64 -14.67 8.19
C ARG A 82 -16.17 -16.11 8.30
N CYS A 83 -15.83 -16.50 9.53
CA CYS A 83 -15.35 -17.84 9.85
C CYS A 83 -16.45 -18.90 9.71
N PRO A 84 -16.07 -20.19 9.77
CA PRO A 84 -17.08 -21.23 9.53
C PRO A 84 -18.18 -21.29 10.60
N HIS A 85 -17.88 -20.79 11.79
CA HIS A 85 -18.89 -20.71 12.83
C HIS A 85 -19.86 -19.56 12.58
N HIS A 86 -19.33 -18.35 12.43
CA HIS A 86 -20.21 -17.18 12.38
C HIS A 86 -21.04 -17.11 11.09
N GLU A 87 -20.51 -17.66 9.99
CA GLU A 87 -21.28 -17.65 8.75
C GLU A 87 -22.53 -18.53 8.87
N ARG A 88 -22.60 -19.37 9.89
CA ARG A 88 -23.73 -20.27 10.11
C ARG A 88 -24.57 -19.99 11.36
N CYS A 89 -24.37 -18.84 12.00
N CYS A 89 -24.36 -18.82 11.95
CA CYS A 89 -25.06 -18.64 13.27
CA CYS A 89 -24.99 -18.46 13.23
C CYS A 89 -26.40 -17.89 13.13
C CYS A 89 -26.44 -18.00 13.11
N SER A 90 -26.88 -17.77 11.89
CA SER A 90 -28.24 -17.25 11.63
C SER A 90 -28.50 -15.92 12.32
N ASP A 91 -27.53 -15.01 12.25
CA ASP A 91 -27.69 -13.68 12.82
C ASP A 91 -27.96 -12.67 11.72
N SER A 92 -28.54 -13.15 10.63
CA SER A 92 -28.83 -12.28 9.49
C SER A 92 -29.76 -11.13 9.86
N ASP A 93 -29.62 -10.02 9.15
CA ASP A 93 -30.50 -8.87 9.36
C ASP A 93 -31.52 -8.79 8.24
N GLY A 94 -31.56 -9.83 7.42
CA GLY A 94 -32.50 -9.89 6.31
C GLY A 94 -31.91 -9.38 5.01
N LEU A 95 -30.76 -8.71 5.08
CA LEU A 95 -30.18 -8.08 3.91
C LEU A 95 -28.76 -8.58 3.66
N ALA A 96 -27.92 -8.57 4.69
CA ALA A 96 -26.55 -9.01 4.55
C ALA A 96 -26.48 -10.53 4.36
N PRO A 97 -25.72 -10.97 3.35
CA PRO A 97 -25.39 -12.39 3.28
C PRO A 97 -24.64 -12.79 4.54
N PRO A 98 -24.92 -13.99 5.07
CA PRO A 98 -24.29 -14.49 6.30
C PRO A 98 -22.76 -14.58 6.23
N GLN A 99 -22.18 -14.60 5.03
CA GLN A 99 -20.73 -14.69 4.87
C GLN A 99 -19.99 -13.36 5.02
N HIS A 100 -20.71 -12.25 4.87
CA HIS A 100 -20.03 -10.94 4.84
C HIS A 100 -19.57 -10.46 6.20
N LEU A 101 -18.30 -10.09 6.31
CA LEU A 101 -17.77 -9.53 7.56
C LEU A 101 -18.37 -8.16 7.88
N ILE A 102 -18.45 -7.28 6.87
CA ILE A 102 -18.90 -5.92 7.13
C ILE A 102 -20.36 -5.72 6.75
N ARG A 103 -21.14 -5.23 7.71
CA ARG A 103 -22.51 -4.81 7.47
C ARG A 103 -22.68 -3.32 7.67
N VAL A 104 -23.65 -2.74 6.98
CA VAL A 104 -24.12 -1.40 7.31
C VAL A 104 -25.39 -1.54 8.11
N GLU A 105 -25.40 -0.87 9.26
CA GLU A 105 -26.51 -0.91 10.17
C GLU A 105 -27.57 0.15 9.82
N GLY A 106 -28.83 -0.25 9.84
CA GLY A 106 -29.95 0.67 9.76
C GLY A 106 -30.06 1.48 8.48
N ASN A 107 -29.69 0.88 7.36
CA ASN A 107 -29.85 1.54 6.06
C ASN A 107 -30.51 0.57 5.10
N LEU A 108 -31.78 0.81 4.80
CA LEU A 108 -32.54 -0.12 3.97
C LEU A 108 -32.09 -0.12 2.51
N ARG A 109 -31.27 0.85 2.12
CA ARG A 109 -30.80 0.91 0.75
C ARG A 109 -29.39 0.33 0.62
N ALA A 110 -28.90 -0.29 1.68
CA ALA A 110 -27.61 -0.97 1.61
C ALA A 110 -27.66 -2.10 0.60
N GLU A 111 -26.61 -2.21 -0.21
CA GLU A 111 -26.51 -3.32 -1.13
CA GLU A 111 -26.47 -3.29 -1.17
C GLU A 111 -25.23 -4.11 -0.85
N TYR A 112 -25.34 -5.43 -0.92
CA TYR A 112 -24.20 -6.30 -0.66
C TYR A 112 -23.74 -6.98 -1.93
N LEU A 113 -22.45 -6.86 -2.21
CA LEU A 113 -21.89 -7.39 -3.45
C LEU A 113 -20.97 -8.58 -3.20
N ASP A 114 -21.24 -9.68 -3.92
CA ASP A 114 -20.25 -10.73 -4.11
C ASP A 114 -19.66 -10.58 -5.51
N ASP A 115 -18.42 -10.10 -5.59
CA ASP A 115 -17.82 -9.80 -6.89
C ASP A 115 -17.66 -11.06 -7.73
N ARG A 116 -18.18 -11.06 -8.95
CA ARG A 116 -18.18 -12.27 -9.75
C ARG A 116 -16.78 -12.62 -10.28
N ASN A 117 -15.81 -11.73 -10.09
CA ASN A 117 -14.46 -11.98 -10.55
C ASN A 117 -13.44 -12.20 -9.43
N THR A 118 -13.44 -11.31 -8.44
CA THR A 118 -12.48 -11.40 -7.33
C THR A 118 -13.04 -12.20 -6.17
N PHE A 119 -14.36 -12.40 -6.19
CA PHE A 119 -15.09 -13.08 -5.11
C PHE A 119 -15.09 -12.29 -3.80
N ARG A 120 -14.56 -11.08 -3.82
CA ARG A 120 -14.51 -10.26 -2.61
C ARG A 120 -15.89 -9.71 -2.27
N HIS A 121 -16.13 -9.50 -0.97
CA HIS A 121 -17.40 -8.98 -0.48
C HIS A 121 -17.31 -7.47 -0.29
N SER A 122 -18.41 -6.77 -0.53
CA SER A 122 -18.48 -5.36 -0.14
C SER A 122 -19.91 -4.97 0.16
N VAL A 123 -20.07 -3.86 0.88
CA VAL A 123 -21.39 -3.31 1.14
C VAL A 123 -21.35 -1.85 0.71
N VAL A 124 -22.40 -1.43 0.00
CA VAL A 124 -22.41 -0.09 -0.59
C VAL A 124 -23.74 0.60 -0.32
N VAL A 125 -23.68 1.90 -0.02
CA VAL A 125 -24.88 2.68 0.24
C VAL A 125 -24.82 3.99 -0.52
N PRO A 126 -25.99 4.60 -0.76
CA PRO A 126 -25.99 5.93 -1.38
C PRO A 126 -25.30 6.94 -0.47
N CYS A 127 -24.55 7.85 -1.07
CA CYS A 127 -23.96 8.95 -0.32
C CYS A 127 -25.03 10.01 -0.08
N GLU A 128 -25.40 10.19 1.18
CA GLU A 128 -26.46 11.11 1.56
C GLU A 128 -25.90 12.38 2.22
N PRO A 129 -26.61 13.50 2.07
CA PRO A 129 -26.19 14.73 2.75
C PRO A 129 -26.40 14.63 4.25
N PRO A 130 -25.66 15.43 5.03
CA PRO A 130 -25.80 15.43 6.49
C PRO A 130 -27.22 15.81 6.91
N GLU A 131 -27.62 15.35 8.10
CA GLU A 131 -28.86 15.83 8.69
C GLU A 131 -28.75 17.34 8.88
N VAL A 132 -29.89 18.03 8.85
CA VAL A 132 -29.87 19.47 9.07
C VAL A 132 -29.21 19.79 10.41
N GLY A 133 -28.24 20.68 10.40
CA GLY A 133 -27.50 21.02 11.59
C GLY A 133 -26.16 20.31 11.76
N SER A 134 -25.90 19.33 10.90
CA SER A 134 -24.65 18.58 10.96
CA SER A 134 -24.65 18.57 10.96
C SER A 134 -23.71 18.96 9.81
N ASP A 135 -22.43 18.69 9.99
CA ASP A 135 -21.41 19.06 9.02
C ASP A 135 -20.83 17.87 8.25
N CYS A 136 -21.27 16.67 8.63
CA CYS A 136 -20.78 15.45 7.98
C CYS A 136 -21.86 14.40 8.03
N THR A 137 -21.66 13.34 7.26
CA THR A 137 -22.60 12.23 7.25
C THR A 137 -21.98 11.04 7.97
N THR A 138 -22.80 10.30 8.72
CA THR A 138 -22.28 9.16 9.45
C THR A 138 -22.89 7.86 8.93
N ILE A 139 -22.04 6.87 8.70
CA ILE A 139 -22.48 5.51 8.39
C ILE A 139 -22.16 4.65 9.60
N HIS A 140 -23.07 3.76 9.96
CA HIS A 140 -22.83 2.85 11.07
C HIS A 140 -22.49 1.46 10.56
N TYR A 141 -21.27 1.00 10.83
CA TYR A 141 -20.83 -0.31 10.36
C TYR A 141 -20.84 -1.32 11.49
N ASN A 142 -21.02 -2.60 11.16
CA ASN A 142 -20.76 -3.69 12.11
C ASN A 142 -19.71 -4.62 11.54
N TYR A 143 -18.87 -5.17 12.41
CA TYR A 143 -17.92 -6.20 12.01
C TYR A 143 -18.35 -7.49 12.69
N MET A 144 -18.56 -8.55 11.89
CA MET A 144 -19.35 -9.69 12.34
C MET A 144 -18.53 -10.94 12.69
N CYS A 145 -17.22 -10.76 12.79
CA CYS A 145 -16.28 -11.77 13.31
C CYS A 145 -15.21 -11.12 14.17
N TYR A 146 -14.67 -11.85 15.15
CA TYR A 146 -13.47 -11.40 15.84
C TYR A 146 -12.26 -11.54 14.94
N SER A 147 -11.27 -10.67 15.12
CA SER A 147 -9.98 -10.80 14.44
C SER A 147 -9.38 -12.18 14.70
N SER A 148 -9.71 -12.75 15.84
CA SER A 148 -9.13 -14.03 16.27
C SER A 148 -9.86 -15.27 15.78
N CYS A 149 -11.01 -15.11 15.11
CA CYS A 149 -11.81 -16.27 14.72
C CYS A 149 -11.04 -17.30 13.89
N MET A 150 -11.00 -18.53 14.39
CA MET A 150 -10.36 -19.62 13.67
C MET A 150 -11.08 -19.97 12.37
N GLY A 151 -10.30 -20.16 11.31
CA GLY A 151 -10.85 -20.48 10.01
C GLY A 151 -11.38 -19.24 9.31
N GLY A 152 -11.26 -18.10 9.98
CA GLY A 152 -11.64 -16.83 9.39
C GLY A 152 -10.42 -15.95 9.36
N MET A 153 -10.50 -14.77 9.97
CA MET A 153 -9.35 -13.88 9.98
C MET A 153 -8.14 -14.47 10.72
N ASN A 154 -8.39 -15.30 11.73
CA ASN A 154 -7.33 -16.05 12.41
C ASN A 154 -6.15 -15.19 12.86
N ARG A 155 -6.46 -14.12 13.58
CA ARG A 155 -5.50 -13.20 14.19
C ARG A 155 -4.75 -12.33 13.17
N ARG A 156 -5.14 -12.42 11.90
CA ARG A 156 -4.54 -11.56 10.88
C ARG A 156 -5.22 -10.21 10.84
N PRO A 157 -4.44 -9.12 10.90
CA PRO A 157 -4.99 -7.77 10.82
C PRO A 157 -5.62 -7.50 9.45
N ILE A 158 -6.74 -6.80 9.44
CA ILE A 158 -7.38 -6.37 8.21
C ILE A 158 -7.40 -4.86 8.09
N LEU A 159 -7.63 -4.40 6.87
CA LEU A 159 -7.93 -3.00 6.62
C LEU A 159 -9.34 -2.91 6.07
N THR A 160 -10.04 -1.84 6.41
CA THR A 160 -11.28 -1.51 5.70
C THR A 160 -10.94 -0.41 4.72
N ILE A 161 -11.35 -0.62 3.47
CA ILE A 161 -11.20 0.38 2.41
C ILE A 161 -12.56 1.00 2.15
N ILE A 162 -12.65 2.31 2.27
CA ILE A 162 -13.89 3.00 1.97
C ILE A 162 -13.70 3.78 0.68
N THR A 163 -14.55 3.51 -0.30
CA THR A 163 -14.44 4.26 -1.55
CA THR A 163 -14.46 4.17 -1.60
C THR A 163 -15.70 5.01 -1.87
N LEU A 164 -15.49 6.23 -2.36
CA LEU A 164 -16.56 7.06 -2.88
C LEU A 164 -16.62 6.76 -4.38
N GLU A 165 -17.80 6.42 -4.88
CA GLU A 165 -17.97 5.95 -6.26
C GLU A 165 -19.04 6.74 -6.98
N ASP A 166 -18.92 6.86 -8.29
CA ASP A 166 -20.05 7.41 -9.04
C ASP A 166 -21.08 6.30 -9.31
N SER A 167 -22.13 6.62 -10.06
CA SER A 167 -23.24 5.68 -10.22
C SER A 167 -22.85 4.45 -11.07
N SER A 168 -21.77 4.56 -11.82
CA SER A 168 -21.19 3.44 -12.57
C SER A 168 -20.24 2.58 -11.73
N GLY A 169 -19.85 3.09 -10.57
CA GLY A 169 -18.88 2.40 -9.74
C GLY A 169 -17.45 2.86 -9.98
N ASN A 170 -17.26 3.92 -10.76
CA ASN A 170 -15.93 4.50 -10.96
C ASN A 170 -15.44 5.22 -9.69
N LEU A 171 -14.12 5.22 -9.49
CA LEU A 171 -13.52 5.84 -8.31
C LEU A 171 -13.67 7.36 -8.25
N LEU A 172 -14.19 7.87 -7.15
CA LEU A 172 -14.17 9.32 -6.88
C LEU A 172 -13.28 9.68 -5.71
N GLY A 173 -13.13 8.76 -4.77
CA GLY A 173 -12.41 9.05 -3.55
C GLY A 173 -12.09 7.77 -2.80
N ARG A 174 -11.06 7.78 -1.97
CA ARG A 174 -10.68 6.59 -1.21
C ARG A 174 -9.99 6.94 0.10
N ASP A 175 -10.34 6.19 1.14
CA ASP A 175 -9.70 6.28 2.44
C ASP A 175 -9.68 4.88 3.03
N SER A 176 -8.96 4.69 4.14
CA SER A 176 -8.82 3.35 4.71
C SER A 176 -8.34 3.43 6.17
N PHE A 177 -8.58 2.35 6.91
CA PHE A 177 -8.15 2.24 8.30
C PHE A 177 -8.01 0.78 8.67
N GLU A 178 -7.06 0.48 9.55
CA GLU A 178 -6.94 -0.87 10.08
C GLU A 178 -8.09 -1.16 11.06
N VAL A 179 -8.47 -2.43 11.20
CA VAL A 179 -9.52 -2.80 12.16
C VAL A 179 -9.08 -3.99 13.01
N ARG A 180 -9.32 -3.89 14.31
CA ARG A 180 -9.24 -5.06 15.19
C ARG A 180 -10.58 -5.25 15.88
N VAL A 181 -11.17 -6.42 15.68
CA VAL A 181 -12.42 -6.76 16.33
C VAL A 181 -12.06 -7.63 17.51
N CYS A 182 -12.36 -7.16 18.72
CA CYS A 182 -11.84 -7.78 19.93
C CYS A 182 -12.79 -7.61 21.11
N ALA A 183 -12.50 -8.30 22.20
CA ALA A 183 -13.37 -8.25 23.37
C ALA A 183 -13.23 -6.94 24.15
N CYS A 184 -12.02 -6.41 24.21
CA CYS A 184 -11.76 -5.19 24.98
CA CYS A 184 -11.74 -5.20 24.99
C CYS A 184 -11.00 -4.15 24.18
N PRO A 185 -11.73 -3.41 23.32
CA PRO A 185 -11.13 -2.39 22.44
C PRO A 185 -10.35 -1.32 23.18
N GLY A 186 -10.85 -0.89 24.33
CA GLY A 186 -10.20 0.16 25.11
C GLY A 186 -8.83 -0.27 25.58
N ARG A 187 -8.76 -1.47 26.16
CA ARG A 187 -7.49 -2.02 26.61
C ARG A 187 -6.54 -2.27 25.45
N ASP A 188 -7.04 -2.83 24.36
CA ASP A 188 -6.15 -3.14 23.24
C ASP A 188 -5.63 -1.89 22.55
N ARG A 189 -6.46 -0.84 22.44
CA ARG A 189 -5.97 0.41 21.89
C ARG A 189 -4.85 0.99 22.76
N ARG A 190 -5.07 0.99 24.08
CA ARG A 190 -4.07 1.52 25.01
C ARG A 190 -2.75 0.77 24.87
N THR A 191 -2.86 -0.55 24.79
CA THR A 191 -1.70 -1.43 24.65
C THR A 191 -0.93 -1.15 23.36
N GLU A 192 -1.63 -1.14 22.23
CA GLU A 192 -0.97 -0.98 20.95
C GLU A 192 -0.39 0.42 20.77
N GLU A 193 -1.03 1.42 21.37
CA GLU A 193 -0.50 2.77 21.33
C GLU A 193 0.77 2.87 22.18
N GLU A 194 0.79 2.14 23.30
CA GLU A 194 1.98 2.13 24.14
C GLU A 194 3.14 1.43 23.45
N ASN A 195 2.85 0.33 22.76
CA ASN A 195 3.87 -0.38 22.00
C ASN A 195 4.49 0.53 20.93
N LEU A 196 3.64 1.28 20.23
CA LEU A 196 4.11 2.20 19.20
C LEU A 196 5.07 3.23 19.78
N ARG A 197 4.74 3.74 20.96
CA ARG A 197 5.53 4.80 21.59
C ARG A 197 6.94 4.34 21.95
N SER B 1 22.72 -16.53 -19.32
CA SER B 1 22.74 -15.17 -18.80
C SER B 1 22.43 -14.12 -19.87
N SER B 2 22.49 -12.85 -19.49
CA SER B 2 21.97 -11.79 -20.33
C SER B 2 22.92 -10.59 -20.38
N SER B 3 22.72 -9.71 -21.37
CA SER B 3 23.51 -8.48 -21.47
C SER B 3 23.30 -7.59 -20.24
N VAL B 4 24.29 -6.73 -19.96
CA VAL B 4 24.24 -5.88 -18.78
C VAL B 4 23.85 -4.45 -19.11
N PRO B 5 22.73 -3.98 -18.55
CA PRO B 5 22.28 -2.60 -18.74
CA PRO B 5 22.32 -2.59 -18.80
C PRO B 5 23.30 -1.61 -18.16
N SER B 6 23.46 -0.46 -18.80
CA SER B 6 24.39 0.55 -18.29
C SER B 6 23.97 1.08 -16.92
N GLN B 7 24.95 1.38 -16.08
CA GLN B 7 24.66 2.03 -14.80
C GLN B 7 25.27 3.42 -14.75
N LYS B 8 25.69 3.92 -15.91
CA LYS B 8 26.39 5.21 -15.98
C LYS B 8 25.47 6.38 -15.74
N THR B 9 25.84 7.22 -14.79
CA THR B 9 25.07 8.43 -14.50
C THR B 9 25.02 9.31 -15.73
N TYR B 10 23.83 9.79 -16.06
CA TYR B 10 23.62 10.58 -17.26
C TYR B 10 22.43 11.48 -17.04
N GLN B 11 22.67 12.79 -16.83
CA GLN B 11 21.58 13.69 -16.54
C GLN B 11 20.72 14.00 -17.75
N GLY B 12 21.34 13.97 -18.93
CA GLY B 12 20.61 14.25 -20.16
C GLY B 12 20.10 15.66 -20.28
N SER B 13 19.22 15.90 -21.26
CA SER B 13 18.75 17.26 -21.58
C SER B 13 17.93 17.92 -20.50
N TYR B 14 17.26 17.12 -19.67
CA TYR B 14 16.36 17.67 -18.64
C TYR B 14 17.02 17.80 -17.27
N GLY B 15 18.31 17.44 -17.18
CA GLY B 15 19.02 17.53 -15.91
C GLY B 15 18.46 16.58 -14.85
N PHE B 16 18.26 15.34 -15.26
CA PHE B 16 17.61 14.34 -14.41
C PHE B 16 18.56 13.77 -13.37
N ARG B 17 18.11 13.69 -12.11
CA ARG B 17 18.84 12.98 -11.07
C ARG B 17 17.91 12.63 -9.90
N LEU B 18 18.34 11.67 -9.08
CA LEU B 18 17.55 11.22 -7.95
C LEU B 18 17.81 12.05 -6.69
N GLY B 19 16.89 11.93 -5.74
CA GLY B 19 17.09 12.46 -4.40
C GLY B 19 16.46 11.53 -3.38
N PHE B 20 16.90 11.63 -2.13
CA PHE B 20 16.39 10.75 -1.10
C PHE B 20 16.10 11.55 0.16
N LEU B 21 15.12 11.11 0.93
CA LEU B 21 14.82 11.76 2.21
C LEU B 21 15.98 11.57 3.17
N HIS B 22 16.02 12.39 4.21
CA HIS B 22 17.01 12.23 5.25
C HIS B 22 16.33 11.64 6.48
N SER B 23 16.31 10.32 6.53
CA SER B 23 15.47 9.59 7.47
C SER B 23 16.18 9.21 8.75
N GLY B 24 17.50 9.37 8.80
CA GLY B 24 18.26 9.05 9.99
C GLY B 24 18.50 7.57 10.15
N THR B 25 19.06 7.17 11.30
CA THR B 25 19.50 5.79 11.47
C THR B 25 18.98 5.16 12.76
N ALA B 26 17.84 5.63 13.25
CA ALA B 26 17.22 5.03 14.43
C ALA B 26 16.87 3.58 14.12
N LYS B 27 16.89 2.74 15.15
CA LYS B 27 16.64 1.31 14.98
C LYS B 27 15.28 1.03 14.36
N SER B 28 14.34 1.96 14.53
CA SER B 28 12.98 1.79 14.03
C SER B 28 12.81 2.16 12.56
N VAL B 29 13.79 2.84 11.99
CA VAL B 29 13.63 3.39 10.64
C VAL B 29 13.41 2.27 9.61
N THR B 30 12.46 2.47 8.69
CA THR B 30 12.10 1.42 7.73
C THR B 30 12.86 1.57 6.41
N CYS B 31 13.42 2.74 6.18
CA CYS B 31 14.14 3.04 4.94
C CYS B 31 15.03 4.23 5.19
N THR B 32 16.29 4.11 4.79
CA THR B 32 17.24 5.19 5.03
C THR B 32 18.35 5.18 3.96
N TYR B 33 18.73 6.37 3.52
CA TYR B 33 19.69 6.48 2.43
C TYR B 33 21.01 7.04 2.92
N SER B 34 22.10 6.39 2.49
CA SER B 34 23.46 6.86 2.78
C SER B 34 24.10 7.54 1.59
N PRO B 35 24.27 8.88 1.66
CA PRO B 35 24.96 9.56 0.57
C PRO B 35 26.42 9.11 0.44
N ALA B 36 27.08 8.77 1.53
CA ALA B 36 28.50 8.44 1.47
C ALA B 36 28.72 7.12 0.75
N LEU B 37 27.73 6.23 0.87
CA LEU B 37 27.82 4.92 0.24
C LEU B 37 27.03 4.83 -1.06
N ASN B 38 26.29 5.89 -1.36
CA ASN B 38 25.23 5.85 -2.39
C ASN B 38 24.42 4.56 -2.29
N LYS B 39 23.90 4.30 -1.11
CA LYS B 39 23.24 3.04 -0.80
C LYS B 39 21.98 3.28 0.02
N LEU B 40 20.89 2.69 -0.45
CA LEU B 40 19.61 2.71 0.25
C LEU B 40 19.49 1.46 1.11
N PHE B 41 19.13 1.61 2.39
CA PHE B 41 18.87 0.45 3.25
C PHE B 41 17.39 0.42 3.58
N CYS B 42 16.72 -0.72 3.40
CA CYS B 42 15.29 -0.75 3.63
C CYS B 42 14.83 -2.11 4.12
N GLN B 43 13.69 -2.09 4.80
CA GLN B 43 13.07 -3.32 5.24
C GLN B 43 12.27 -3.97 4.12
N LEU B 44 12.01 -5.26 4.28
CA LEU B 44 11.27 -6.03 3.31
C LEU B 44 9.88 -5.47 3.02
N ALA B 45 9.60 -5.19 1.75
CA ALA B 45 8.29 -4.72 1.27
C ALA B 45 7.80 -3.43 1.90
N LYS B 46 8.71 -2.63 2.44
CA LYS B 46 8.34 -1.36 3.04
C LYS B 46 8.50 -0.24 2.02
N THR B 47 7.78 0.85 2.24
CA THR B 47 7.85 2.02 1.36
C THR B 47 9.26 2.61 1.25
N CYS B 48 9.74 2.77 0.02
CA CYS B 48 11.02 3.45 -0.24
C CYS B 48 10.79 4.68 -1.11
N PRO B 49 10.77 5.87 -0.49
CA PRO B 49 10.57 7.06 -1.32
C PRO B 49 11.84 7.39 -2.11
N VAL B 50 11.67 7.57 -3.41
CA VAL B 50 12.76 7.98 -4.28
C VAL B 50 12.32 9.24 -5.01
N GLN B 51 13.08 10.31 -4.88
CA GLN B 51 12.74 11.57 -5.54
C GLN B 51 13.32 11.66 -6.94
N LEU B 52 12.53 12.26 -7.83
CA LEU B 52 12.98 12.63 -9.18
C LEU B 52 13.16 14.13 -9.24
N TRP B 53 14.35 14.58 -9.63
CA TRP B 53 14.65 16.01 -9.80
C TRP B 53 15.03 16.29 -11.25
N VAL B 54 14.50 17.38 -11.80
CA VAL B 54 14.88 17.82 -13.14
C VAL B 54 15.12 19.32 -13.15
N ASP B 55 15.88 19.80 -14.13
CA ASP B 55 16.07 21.24 -14.32
C ASP B 55 14.98 21.81 -15.20
N SER B 56 14.40 20.96 -16.06
CA SER B 56 13.30 21.39 -16.90
CA SER B 56 13.35 21.36 -16.98
C SER B 56 12.31 20.25 -17.08
N THR B 57 11.05 20.62 -17.30
CA THR B 57 9.96 19.66 -17.41
C THR B 57 10.04 18.78 -18.67
N PRO B 58 10.09 17.46 -18.48
CA PRO B 58 10.06 16.59 -19.64
C PRO B 58 8.66 16.54 -20.27
N PRO B 59 8.57 16.09 -21.53
CA PRO B 59 7.28 16.09 -22.25
C PRO B 59 6.27 15.13 -21.65
N PRO B 60 4.97 15.43 -21.83
CA PRO B 60 3.94 14.45 -21.47
C PRO B 60 4.23 13.13 -22.16
N GLY B 61 4.11 12.03 -21.41
CA GLY B 61 4.41 10.72 -21.97
C GLY B 61 5.76 10.21 -21.50
N THR B 62 6.54 11.08 -20.86
CA THR B 62 7.80 10.67 -20.26
C THR B 62 7.50 9.64 -19.18
N ARG B 63 8.34 8.61 -19.06
CA ARG B 63 8.17 7.58 -18.04
C ARG B 63 9.45 7.36 -17.23
N VAL B 64 9.31 6.68 -16.10
CA VAL B 64 10.42 6.42 -15.19
C VAL B 64 10.47 4.92 -14.91
N ARG B 65 11.60 4.29 -15.22
CA ARG B 65 11.74 2.83 -15.10
C ARG B 65 12.76 2.48 -14.03
N ALA B 66 12.49 1.44 -13.28
CA ALA B 66 13.41 0.92 -12.27
C ALA B 66 13.78 -0.51 -12.60
N MET B 67 15.07 -0.82 -12.51
CA MET B 67 15.57 -2.17 -12.78
C MET B 67 16.70 -2.50 -11.82
N ALA B 68 16.77 -3.74 -11.36
CA ALA B 68 17.86 -4.13 -10.48
C ALA B 68 18.92 -4.92 -11.26
N ILE B 69 20.19 -4.69 -10.94
CA ILE B 69 21.28 -5.56 -11.41
C ILE B 69 22.22 -5.90 -10.25
N TYR B 70 22.91 -7.03 -10.36
CA TYR B 70 23.96 -7.34 -9.39
C TYR B 70 25.16 -6.43 -9.58
N LYS B 71 25.74 -6.00 -8.47
CA LYS B 71 26.84 -5.04 -8.47
C LYS B 71 28.19 -5.67 -8.86
N GLN B 72 28.43 -6.90 -8.40
CA GLN B 72 29.71 -7.57 -8.60
C GLN B 72 29.88 -8.11 -10.01
N SER B 73 31.11 -8.03 -10.51
CA SER B 73 31.45 -8.49 -11.86
C SER B 73 30.92 -9.86 -12.23
N GLN B 74 31.12 -10.84 -11.36
CA GLN B 74 30.79 -12.21 -11.72
C GLN B 74 29.30 -12.49 -11.64
N HIS B 75 28.52 -11.51 -11.17
CA HIS B 75 27.08 -11.72 -11.02
C HIS B 75 26.22 -10.81 -11.90
N MET B 76 26.83 -9.79 -12.51
CA MET B 76 26.03 -8.77 -13.19
CA MET B 76 26.06 -8.76 -13.21
C MET B 76 25.28 -9.30 -14.43
N THR B 77 25.72 -10.40 -15.01
CA THR B 77 24.99 -10.93 -16.17
C THR B 77 23.80 -11.80 -15.76
N GLU B 78 23.65 -12.05 -14.46
CA GLU B 78 22.52 -12.83 -13.96
C GLU B 78 21.32 -11.92 -13.67
N VAL B 79 20.15 -12.34 -14.14
CA VAL B 79 18.90 -11.64 -13.85
C VAL B 79 18.64 -11.62 -12.35
N VAL B 80 18.44 -10.43 -11.79
CA VAL B 80 18.01 -10.28 -10.40
C VAL B 80 16.54 -10.61 -10.29
N ARG B 81 16.20 -11.58 -9.45
CA ARG B 81 14.82 -12.00 -9.31
C ARG B 81 14.55 -12.39 -7.86
N ARG B 82 13.28 -12.56 -7.53
CA ARG B 82 12.93 -13.04 -6.20
C ARG B 82 13.30 -14.50 -6.01
N CYS B 83 13.53 -14.88 -4.76
CA CYS B 83 14.02 -16.21 -4.40
C CYS B 83 12.92 -17.26 -4.58
N PRO B 84 13.28 -18.56 -4.51
CA PRO B 84 12.28 -19.62 -4.76
C PRO B 84 11.14 -19.60 -3.74
N HIS B 85 11.40 -19.12 -2.53
CA HIS B 85 10.35 -18.96 -1.55
C HIS B 85 9.38 -17.82 -1.85
N HIS B 86 9.92 -16.62 -2.02
CA HIS B 86 9.06 -15.44 -2.18
C HIS B 86 8.33 -15.41 -3.52
N GLU B 87 8.90 -16.00 -4.58
CA GLU B 87 8.19 -16.03 -5.86
C GLU B 87 6.96 -16.94 -5.77
N ARG B 88 6.92 -17.81 -4.77
CA ARG B 88 5.81 -18.74 -4.58
C ARG B 88 4.89 -18.43 -3.39
N CYS B 89 4.98 -17.23 -2.81
N CYS B 89 5.00 -17.21 -2.85
CA CYS B 89 4.19 -17.00 -1.61
CA CYS B 89 4.27 -16.83 -1.63
C CYS B 89 2.87 -16.27 -1.89
C CYS B 89 2.86 -16.30 -1.89
N SER B 90 2.50 -16.17 -3.17
CA SER B 90 1.18 -15.65 -3.57
C SER B 90 0.89 -14.27 -3.00
N ASP B 91 1.85 -13.36 -3.15
CA ASP B 91 1.68 -12.02 -2.60
C ASP B 91 1.67 -10.93 -3.69
N SER B 92 1.34 -11.29 -4.92
CA SER B 92 1.24 -10.31 -6.01
C SER B 92 0.04 -9.40 -5.79
N ASP B 93 0.18 -8.13 -6.16
CA ASP B 93 -0.91 -7.16 -5.98
C ASP B 93 -1.89 -7.20 -7.14
N GLY B 94 -1.68 -8.12 -8.06
CA GLY B 94 -2.48 -8.18 -9.27
C GLY B 94 -1.77 -7.58 -10.46
N LEU B 95 -0.77 -6.75 -10.20
CA LEU B 95 -0.01 -6.12 -11.27
C LEU B 95 1.39 -6.71 -11.39
N ALA B 96 2.11 -6.72 -10.28
CA ALA B 96 3.49 -7.20 -10.25
C ALA B 96 3.56 -8.74 -10.38
N PRO B 97 4.30 -9.23 -11.39
CA PRO B 97 4.56 -10.68 -11.40
C PRO B 97 5.26 -11.09 -10.11
N PRO B 98 4.96 -12.30 -9.61
CA PRO B 98 5.53 -12.70 -8.32
C PRO B 98 7.05 -12.86 -8.36
N GLN B 99 7.65 -12.92 -9.54
CA GLN B 99 9.10 -13.01 -9.68
C GLN B 99 9.83 -11.67 -9.50
N HIS B 100 9.11 -10.57 -9.65
CA HIS B 100 9.77 -9.25 -9.67
C HIS B 100 10.17 -8.75 -8.31
N LEU B 101 11.46 -8.42 -8.17
CA LEU B 101 11.96 -7.87 -6.92
C LEU B 101 11.39 -6.50 -6.61
N ILE B 102 11.35 -5.62 -7.60
CA ILE B 102 10.95 -4.25 -7.36
C ILE B 102 9.51 -3.99 -7.76
N ARG B 103 8.72 -3.46 -6.83
CA ARG B 103 7.37 -3.03 -7.16
C ARG B 103 7.24 -1.53 -6.95
N VAL B 104 6.29 -0.93 -7.66
CA VAL B 104 5.86 0.42 -7.31
C VAL B 104 4.61 0.34 -6.45
N GLU B 105 4.59 1.11 -5.36
CA GLU B 105 3.49 1.16 -4.43
C GLU B 105 2.52 2.30 -4.77
N GLY B 106 1.23 2.00 -4.81
CA GLY B 106 0.21 3.03 -4.95
C GLY B 106 0.20 3.81 -6.25
N ASN B 107 0.49 3.13 -7.35
CA ASN B 107 0.33 3.71 -8.67
C ASN B 107 -0.33 2.70 -9.61
N LEU B 108 -1.60 2.91 -9.91
CA LEU B 108 -2.35 1.99 -10.77
C LEU B 108 -1.86 1.97 -12.22
N ARG B 109 -1.02 2.93 -12.59
CA ARG B 109 -0.50 2.99 -13.95
C ARG B 109 0.89 2.35 -14.07
N ALA B 110 1.34 1.69 -13.01
CA ALA B 110 2.61 0.95 -13.05
C ALA B 110 2.49 -0.24 -14.00
N GLU B 111 3.50 -0.41 -14.85
CA GLU B 111 3.57 -1.55 -15.74
C GLU B 111 4.84 -2.32 -15.50
N TYR B 112 4.73 -3.64 -15.63
CA TYR B 112 5.82 -4.54 -15.33
C TYR B 112 6.27 -5.22 -16.59
N LEU B 113 7.56 -5.22 -16.85
CA LEU B 113 8.12 -5.79 -18.07
C LEU B 113 9.02 -6.99 -17.77
N ASP B 114 8.75 -8.11 -18.44
CA ASP B 114 9.72 -9.18 -18.62
C ASP B 114 10.36 -8.99 -20.00
N ASP B 115 11.62 -8.60 -20.06
CA ASP B 115 12.23 -8.28 -21.35
C ASP B 115 12.33 -9.55 -22.21
N ARG B 116 11.79 -9.51 -23.42
CA ARG B 116 11.70 -10.74 -24.21
C ARG B 116 13.06 -11.25 -24.65
N ASN B 117 14.06 -10.38 -24.67
CA ASN B 117 15.39 -10.78 -25.10
C ASN B 117 16.35 -11.06 -23.94
N THR B 118 16.30 -10.22 -22.91
CA THR B 118 17.25 -10.31 -21.80
C THR B 118 16.67 -10.98 -20.57
N PHE B 119 15.34 -11.14 -20.57
CA PHE B 119 14.62 -11.75 -19.45
C PHE B 119 14.70 -10.94 -18.16
N ARG B 120 15.25 -9.73 -18.23
CA ARG B 120 15.32 -8.89 -17.04
C ARG B 120 13.97 -8.26 -16.73
N HIS B 121 13.75 -8.00 -15.44
CA HIS B 121 12.52 -7.39 -14.95
C HIS B 121 12.66 -5.90 -14.76
N SER B 122 11.59 -5.16 -15.01
CA SER B 122 11.57 -3.76 -14.62
C SER B 122 10.15 -3.31 -14.37
N VAL B 123 10.01 -2.20 -13.64
CA VAL B 123 8.70 -1.59 -13.44
C VAL B 123 8.78 -0.12 -13.86
N VAL B 124 7.77 0.33 -14.58
CA VAL B 124 7.80 1.66 -15.18
C VAL B 124 6.49 2.39 -14.90
N VAL B 125 6.58 3.69 -14.61
CA VAL B 125 5.40 4.53 -14.37
C VAL B 125 5.50 5.83 -15.16
N PRO B 126 4.37 6.50 -15.38
CA PRO B 126 4.46 7.83 -16.00
C PRO B 126 5.20 8.82 -15.10
N CYS B 127 5.98 9.70 -15.70
CA CYS B 127 6.66 10.78 -14.97
C CYS B 127 5.68 11.92 -14.78
N GLU B 128 5.21 12.11 -13.55
CA GLU B 128 4.19 13.11 -13.27
C GLU B 128 4.82 14.35 -12.63
N PRO B 129 4.19 15.52 -12.82
CA PRO B 129 4.69 16.75 -12.19
C PRO B 129 4.53 16.69 -10.67
N PRO B 130 5.37 17.45 -9.94
CA PRO B 130 5.28 17.50 -8.48
C PRO B 130 3.91 17.99 -8.02
N GLU B 131 3.47 17.54 -6.85
CA GLU B 131 2.28 18.08 -6.20
C GLU B 131 2.46 19.58 -5.97
N VAL B 132 1.37 20.32 -5.85
CA VAL B 132 1.45 21.76 -5.63
C VAL B 132 2.23 22.06 -4.36
N GLY B 133 3.24 22.92 -4.47
CA GLY B 133 4.06 23.28 -3.32
C GLY B 133 5.28 22.40 -3.16
N SER B 134 5.42 21.41 -4.03
CA SER B 134 6.56 20.50 -3.97
C SER B 134 7.54 20.80 -5.12
N ASP B 135 8.81 20.51 -4.90
CA ASP B 135 9.84 20.84 -5.88
C ASP B 135 10.31 19.62 -6.66
N CYS B 136 9.79 18.45 -6.29
CA CYS B 136 10.18 17.23 -6.98
C CYS B 136 9.04 16.24 -6.95
N THR B 137 9.19 15.17 -7.72
CA THR B 137 8.22 14.09 -7.76
C THR B 137 8.77 12.90 -6.99
N THR B 138 7.91 12.20 -6.29
CA THR B 138 8.37 11.05 -5.51
C THR B 138 7.68 9.78 -6.00
N ILE B 139 8.46 8.72 -6.18
CA ILE B 139 7.92 7.41 -6.48
C ILE B 139 8.15 6.55 -5.25
N HIS B 140 7.16 5.72 -4.91
CA HIS B 140 7.31 4.79 -3.79
C HIS B 140 7.61 3.40 -4.29
N TYR B 141 8.80 2.89 -3.97
CA TYR B 141 9.18 1.52 -4.37
C TYR B 141 9.12 0.58 -3.18
N ASN B 142 8.87 -0.69 -3.49
CA ASN B 142 8.96 -1.77 -2.51
C ASN B 142 9.93 -2.84 -3.03
N TYR B 143 10.80 -3.34 -2.16
CA TYR B 143 11.69 -4.44 -2.54
C TYR B 143 11.20 -5.70 -1.86
N MET B 144 10.99 -6.75 -2.65
CA MET B 144 10.18 -7.88 -2.17
C MET B 144 10.98 -9.14 -1.78
N CYS B 145 12.29 -9.00 -1.64
CA CYS B 145 13.16 -10.02 -1.04
C CYS B 145 14.20 -9.37 -0.16
N TYR B 146 14.66 -10.09 0.86
CA TYR B 146 15.85 -9.67 1.60
C TYR B 146 17.09 -9.88 0.75
N SER B 147 18.11 -9.05 0.95
CA SER B 147 19.40 -9.29 0.30
C SER B 147 19.92 -10.70 0.58
N SER B 148 19.56 -11.22 1.76
CA SER B 148 20.03 -12.52 2.21
C SER B 148 19.24 -13.72 1.68
N CYS B 149 18.17 -13.48 0.92
CA CYS B 149 17.30 -14.56 0.48
C CYS B 149 18.05 -15.60 -0.36
N MET B 150 18.16 -16.82 0.17
CA MET B 150 18.89 -17.85 -0.54
C MET B 150 18.14 -18.28 -1.81
N GLY B 151 18.87 -18.47 -2.90
CA GLY B 151 18.29 -18.81 -4.19
C GLY B 151 17.83 -17.59 -4.94
N GLY B 152 17.85 -16.45 -4.27
CA GLY B 152 17.57 -15.18 -4.92
C GLY B 152 18.83 -14.35 -4.90
N MET B 153 18.77 -13.18 -4.29
CA MET B 153 19.94 -12.32 -4.21
C MET B 153 21.10 -13.02 -3.49
N ASN B 154 20.78 -13.89 -2.53
CA ASN B 154 21.79 -14.82 -2.02
C ASN B 154 22.99 -14.08 -1.41
N ARG B 155 22.71 -12.98 -0.70
CA ARG B 155 23.70 -12.12 -0.03
C ARG B 155 24.51 -11.24 -0.98
N ARG B 156 24.16 -11.24 -2.26
CA ARG B 156 24.85 -10.43 -3.26
C ARG B 156 24.30 -9.01 -3.31
N PRO B 157 25.17 -8.00 -3.28
CA PRO B 157 24.72 -6.61 -3.41
C PRO B 157 24.12 -6.31 -4.77
N ILE B 158 23.06 -5.50 -4.78
CA ILE B 158 22.44 -5.07 -6.03
C ILE B 158 22.48 -3.57 -6.18
N LEU B 159 22.30 -3.11 -7.41
CA LEU B 159 22.05 -1.71 -7.70
C LEU B 159 20.66 -1.60 -8.30
N THR B 160 19.98 -0.51 -8.00
CA THR B 160 18.79 -0.13 -8.74
C THR B 160 19.19 0.93 -9.73
N ILE B 161 18.83 0.74 -11.00
CA ILE B 161 19.04 1.73 -12.04
C ILE B 161 17.71 2.39 -12.35
N ILE B 162 17.66 3.71 -12.24
CA ILE B 162 16.45 4.45 -12.57
C ILE B 162 16.68 5.17 -13.88
N THR B 163 15.83 4.89 -14.86
CA THR B 163 15.96 5.56 -16.15
CA THR B 163 15.94 5.52 -16.16
C THR B 163 14.74 6.40 -16.46
N LEU B 164 15.01 7.63 -16.91
CA LEU B 164 13.99 8.52 -17.45
C LEU B 164 13.90 8.20 -18.94
N GLU B 165 12.69 7.94 -19.45
CA GLU B 165 12.49 7.47 -20.83
C GLU B 165 11.44 8.28 -21.54
N ASP B 166 11.55 8.41 -22.87
CA ASP B 166 10.44 9.02 -23.61
C ASP B 166 9.36 7.93 -23.82
N SER B 167 8.32 8.28 -24.56
CA SER B 167 7.17 7.38 -24.67
C SER B 167 7.47 6.11 -25.49
N SER B 168 8.57 6.12 -26.25
CA SER B 168 9.04 4.96 -27.01
C SER B 168 9.97 4.08 -26.20
N GLY B 169 10.41 4.57 -25.06
CA GLY B 169 11.38 3.87 -24.23
C GLY B 169 12.82 4.30 -24.47
N ASN B 170 13.02 5.33 -25.30
CA ASN B 170 14.37 5.85 -25.52
C ASN B 170 14.91 6.54 -24.27
N LEU B 171 16.20 6.41 -24.05
CA LEU B 171 16.81 6.96 -22.84
C LEU B 171 16.85 8.49 -22.85
N LEU B 172 16.41 9.09 -21.74
CA LEU B 172 16.53 10.54 -21.55
C LEU B 172 17.49 10.87 -20.40
N GLY B 173 17.57 9.97 -19.43
CA GLY B 173 18.42 10.19 -18.26
C GLY B 173 18.57 8.91 -17.47
N ARG B 174 19.61 8.84 -16.63
CA ARG B 174 19.94 7.62 -15.89
C ARG B 174 20.61 7.98 -14.57
N ASP B 175 20.26 7.25 -13.52
CA ASP B 175 20.90 7.40 -12.21
C ASP B 175 20.80 6.03 -11.55
N SER B 176 21.49 5.84 -10.42
CA SER B 176 21.50 4.51 -9.81
C SER B 176 21.93 4.62 -8.36
N PHE B 177 21.63 3.57 -7.60
CA PHE B 177 22.01 3.50 -6.19
C PHE B 177 22.05 2.06 -5.77
N GLU B 178 22.94 1.75 -4.82
CA GLU B 178 23.01 0.41 -4.27
CA GLU B 178 23.01 0.41 -4.27
C GLU B 178 21.86 0.24 -3.29
N VAL B 179 21.42 -1.01 -3.11
CA VAL B 179 20.32 -1.34 -2.19
C VAL B 179 20.67 -2.53 -1.32
N ARG B 180 20.43 -2.38 -0.02
CA ARG B 180 20.42 -3.53 0.88
C ARG B 180 19.04 -3.65 1.50
N VAL B 181 18.41 -4.80 1.33
CA VAL B 181 17.12 -5.06 1.95
C VAL B 181 17.41 -5.90 3.19
N CYS B 182 17.05 -5.39 4.37
CA CYS B 182 17.49 -6.01 5.61
C CYS B 182 16.54 -5.71 6.76
N ALA B 183 16.73 -6.42 7.88
CA ALA B 183 15.83 -6.28 9.03
C ALA B 183 16.02 -4.95 9.75
N CYS B 184 17.25 -4.48 9.86
CA CYS B 184 17.56 -3.25 10.60
CA CYS B 184 17.53 -3.24 10.58
C CYS B 184 18.37 -2.28 9.75
N PRO B 185 17.71 -1.56 8.84
CA PRO B 185 18.35 -0.58 7.96
C PRO B 185 19.20 0.46 8.70
N GLY B 186 18.68 0.97 9.82
CA GLY B 186 19.36 2.00 10.57
C GLY B 186 20.68 1.51 11.13
N ARG B 187 20.64 0.33 11.74
CA ARG B 187 21.85 -0.27 12.29
C ARG B 187 22.85 -0.56 11.18
N ASP B 188 22.38 -1.18 10.10
CA ASP B 188 23.27 -1.56 9.02
C ASP B 188 23.87 -0.34 8.33
N ARG B 189 23.10 0.72 8.17
CA ARG B 189 23.66 1.95 7.60
C ARG B 189 24.77 2.51 8.51
N ARG B 190 24.53 2.55 9.81
CA ARG B 190 25.56 3.05 10.74
C ARG B 190 26.83 2.20 10.65
N THR B 191 26.66 0.89 10.69
CA THR B 191 27.79 -0.02 10.58
C THR B 191 28.61 0.19 9.31
N GLU B 192 27.95 0.19 8.16
CA GLU B 192 28.66 0.28 6.90
C GLU B 192 29.31 1.66 6.73
N GLU B 193 28.67 2.69 7.28
CA GLU B 193 29.26 4.04 7.23
C GLU B 193 30.46 4.09 8.16
N GLU B 194 30.34 3.45 9.33
CA GLU B 194 31.44 3.40 10.28
C GLU B 194 32.61 2.64 9.68
N ASN B 195 32.31 1.55 8.98
CA ASN B 195 33.32 0.78 8.26
C ASN B 195 34.08 1.67 7.29
N LEU B 196 33.33 2.45 6.51
CA LEU B 196 33.90 3.34 5.51
C LEU B 196 34.96 4.26 6.12
N ARG B 197 34.70 4.73 7.34
CA ARG B 197 35.67 5.52 8.08
C ARG B 197 36.89 4.66 8.46
ZN ZN C . -16.10 -15.64 13.46
N UL7 D . -19.04 22.60 2.71
C UL7 D . -18.74 23.69 1.68
C01 UL7 D . -23.20 14.97 0.79
C1 UL7 D . -22.75 17.14 1.78
N1 UL7 D . -21.84 19.39 2.32
O1 UL7 D . -21.20 17.35 3.60
C02 UL7 D . -22.30 14.39 1.69
C2 UL7 D . -23.01 18.62 1.81
C03 UL7 D . -20.88 19.57 1.18
C3 UL7 D . -23.41 16.36 0.84
C04 UL7 D . -17.77 21.91 3.17
C4 UL7 D . -21.63 15.17 2.63
C05 UL7 D . -16.91 22.95 3.89
C06 UL7 D . -16.55 24.06 2.91
O UL7 D . -15.81 25.05 3.60
C07 UL7 D . -17.78 24.71 2.31
C7 UL7 D . -21.85 16.56 2.69
C10 UL7 D . -20.17 21.69 2.26
C15 UL7 D . -21.09 21.42 3.46
C16 UL7 D . -22.31 20.68 2.97
CL UL7 D . -24.05 14.05 -0.39
BR UL7 D . -20.44 14.34 3.83
C8 UL7 D . -19.68 20.38 1.64
ZN ZN E . 13.10 -13.88 -0.92
N UL7 F . 12.75 24.24 -12.74
C UL7 F . 12.47 25.65 -12.22
C01 UL7 F . 7.85 16.94 -14.01
C1 UL7 F . 8.48 19.08 -13.01
N1 UL7 F . 9.61 21.31 -12.55
O1 UL7 F . 10.08 19.16 -11.23
C02 UL7 F . 8.73 16.28 -13.14
C2 UL7 F . 8.34 20.59 -12.94
C03 UL7 F . 10.49 21.37 -13.76
C3 UL7 F . 7.74 18.35 -13.94
C04 UL7 F . 13.90 23.56 -12.00
C4 UL7 F . 9.47 17.02 -12.20
C05 UL7 F . 14.42 24.44 -10.88
C06 UL7 F . 14.89 25.78 -11.44
O UL7 F . 15.24 26.63 -10.36
C07 UL7 F . 13.78 26.44 -12.25
C7 UL7 F . 9.35 18.42 -12.14
C10 UL7 F . 11.50 23.41 -12.89
C15 UL7 F . 10.70 23.32 -11.59
C16 UL7 F . 9.36 22.63 -11.85
CL UL7 F . 6.92 16.08 -15.17
BR UL7 F . 10.62 16.09 -11.04
C8 UL7 F . 11.81 22.01 -13.41
#